data_3TWX
#
_entry.id   3TWX
#
_cell.length_a   44.196
_cell.length_b   74.176
_cell.length_c   103.343
_cell.angle_alpha   90.00
_cell.angle_beta   90.00
_cell.angle_gamma   90.00
#
_symmetry.space_group_name_H-M   'P 21 21 21'
#
loop_
_entity.id
_entity.type
_entity.pdbx_description
1 polymer Tankyrase-2
2 polymer 'human FNBP1'
3 non-polymer 'HEXAETHYLENE GLYCOL'
4 non-polymer 1,2-ETHANEDIOL
5 non-polymer 'SULFATE ION'
6 water water
#
loop_
_entity_poly.entity_id
_entity_poly.type
_entity_poly.pdbx_seq_one_letter_code
_entity_poly.pdbx_strand_id
1 'polypeptide(L)'
;GAMGNSEADRQLLEAAKAGDVETVKKLCTVQSVNCRDIEGRQSTPLHFAAGYNRVSVVEYLLQHGADVHAKDKGGLVPLH
NACSYGHYEVAELLVKHGAVVNVADLWKFTPLHEAAAKGKYEICKLLLQHGADPTKKNRDGNTPLDLVKDGDTDIQDLLR
GDAAL
;
A,B
2 'polypeptide(L)' LPHLQRESPDGQSFR(SET) C,D
#
# COMPACT_ATOMS: atom_id res chain seq x y z
N MET A 3 -26.50 -24.93 4.12
CA MET A 3 -27.09 -23.67 3.65
C MET A 3 -26.06 -22.55 3.64
N GLY A 4 -25.42 -22.32 4.78
CA GLY A 4 -24.34 -21.35 4.84
C GLY A 4 -23.05 -22.04 5.22
N ASN A 5 -21.97 -21.28 5.30
CA ASN A 5 -20.70 -21.84 5.74
C ASN A 5 -20.77 -22.27 7.19
N SER A 6 -19.90 -23.20 7.58
CA SER A 6 -19.75 -23.53 8.99
C SER A 6 -19.33 -22.25 9.73
N GLU A 7 -19.55 -22.23 11.05
CA GLU A 7 -19.14 -21.08 11.82
C GLU A 7 -17.64 -20.88 11.73
N ALA A 8 -16.89 -21.97 11.77
CA ALA A 8 -15.43 -21.86 11.68
C ALA A 8 -14.98 -21.20 10.38
N ASP A 9 -15.57 -21.62 9.26
CA ASP A 9 -15.18 -21.07 7.95
C ASP A 9 -15.64 -19.64 7.82
N ARG A 10 -16.84 -19.34 8.29
CA ARG A 10 -17.33 -17.97 8.27
C ARG A 10 -16.37 -17.06 9.06
N GLN A 11 -15.93 -17.52 10.22
CA GLN A 11 -15.03 -16.75 11.06
C GLN A 11 -13.65 -16.59 10.41
N LEU A 12 -13.20 -17.63 9.73
CA LEU A 12 -11.91 -17.57 9.04
C LEU A 12 -11.95 -16.55 7.90
N LEU A 13 -13.04 -16.59 7.13
CA LEU A 13 -13.23 -15.67 6.03
C LEU A 13 -13.29 -14.24 6.54
N GLU A 14 -14.05 -14.02 7.61
CA GLU A 14 -14.16 -12.68 8.17
C GLU A 14 -12.80 -12.20 8.70
N ALA A 15 -12.06 -13.11 9.31
CA ALA A 15 -10.75 -12.75 9.86
C ALA A 15 -9.75 -12.39 8.74
N ALA A 16 -9.78 -13.14 7.65
CA ALA A 16 -8.97 -12.82 6.47
C ALA A 16 -9.31 -11.42 5.96
N LYS A 17 -10.61 -11.11 5.83
CA LYS A 17 -11.08 -9.79 5.40
C LYS A 17 -10.61 -8.68 6.35
N ALA A 18 -10.63 -8.97 7.65
CA ALA A 18 -10.35 -7.97 8.67
C ALA A 18 -8.85 -7.79 8.92
N GLY A 19 -8.06 -8.72 8.39
CA GLY A 19 -6.62 -8.76 8.60
C GLY A 19 -6.26 -9.18 10.01
N ASP A 20 -7.16 -9.92 10.67
CA ASP A 20 -6.93 -10.40 12.04
C ASP A 20 -6.11 -11.70 11.94
N VAL A 21 -4.79 -11.57 11.90
CA VAL A 21 -3.96 -12.73 11.64
C VAL A 21 -3.97 -13.76 12.77
N GLU A 22 -4.13 -13.31 14.00
CA GLU A 22 -4.18 -14.23 15.13
C GLU A 22 -5.40 -15.15 15.03
N THR A 23 -6.54 -14.62 14.62
CA THR A 23 -7.70 -15.48 14.44
C THR A 23 -7.51 -16.41 13.23
N VAL A 24 -6.94 -15.87 12.14
CA VAL A 24 -6.63 -16.72 10.99
C VAL A 24 -5.80 -17.93 11.42
N LYS A 25 -4.79 -17.69 12.24
CA LYS A 25 -3.88 -18.76 12.65
C LYS A 25 -4.59 -19.83 13.48
N LYS A 26 -5.65 -19.41 14.17
CA LYS A 26 -6.37 -20.32 15.05
C LYS A 26 -7.39 -21.17 14.29
N LEU A 27 -7.81 -20.69 13.11
CA LEU A 27 -8.84 -21.41 12.35
C LEU A 27 -8.32 -22.12 11.10
N CYS A 28 -7.22 -21.62 10.56
CA CYS A 28 -6.70 -22.14 9.30
C CYS A 28 -6.10 -23.54 9.43
N THR A 29 -6.60 -24.46 8.62
CA THR A 29 -6.04 -25.80 8.55
C THR A 29 -5.95 -26.15 7.08
N VAL A 30 -5.36 -27.29 6.78
CA VAL A 30 -5.29 -27.69 5.37
C VAL A 30 -6.71 -27.86 4.79
N GLN A 31 -7.69 -28.21 5.61
CA GLN A 31 -9.04 -28.42 5.08
C GLN A 31 -9.76 -27.09 4.82
N SER A 32 -9.47 -26.09 5.64
CA SER A 32 -10.22 -24.83 5.57
C SER A 32 -9.53 -23.71 4.81
N VAL A 33 -8.24 -23.86 4.53
CA VAL A 33 -7.46 -22.73 4.01
C VAL A 33 -8.02 -22.18 2.68
N ASN A 34 -8.61 -23.06 1.87
CA ASN A 34 -9.22 -22.63 0.62
C ASN A 34 -10.76 -22.72 0.61
N CYS A 35 -11.36 -22.51 1.77
CA CYS A 35 -12.83 -22.55 1.85
C CYS A 35 -13.41 -21.38 1.06
N ARG A 36 -14.70 -21.44 0.75
CA ARG A 36 -15.33 -20.46 -0.11
C ARG A 36 -16.54 -19.82 0.57
N ASP A 37 -16.67 -18.51 0.39
CA ASP A 37 -17.77 -17.72 0.91
C ASP A 37 -19.00 -17.95 0.04
N ILE A 38 -19.81 -18.93 0.42
CA ILE A 38 -20.97 -19.30 -0.38
C ILE A 38 -22.07 -18.23 -0.40
N GLU A 39 -22.04 -17.31 0.56
CA GLU A 39 -23.09 -16.30 0.65
C GLU A 39 -22.72 -15.00 -0.07
N GLY A 40 -21.56 -14.97 -0.72
CA GLY A 40 -21.12 -13.81 -1.48
C GLY A 40 -20.77 -14.19 -2.92
N ARG A 41 -19.52 -13.97 -3.30
CA ARG A 41 -19.07 -14.38 -4.63
C ARG A 41 -18.04 -15.52 -4.55
N GLN A 42 -18.14 -16.33 -3.49
CA GLN A 42 -17.30 -17.50 -3.33
C GLN A 42 -15.80 -17.19 -3.23
N SER A 43 -15.48 -16.04 -2.65
CA SER A 43 -14.08 -15.73 -2.39
C SER A 43 -13.51 -16.69 -1.37
N THR A 44 -12.21 -16.99 -1.49
CA THR A 44 -11.49 -17.75 -0.48
C THR A 44 -10.88 -16.78 0.52
N PRO A 45 -10.31 -17.31 1.61
CA PRO A 45 -9.58 -16.45 2.54
C PRO A 45 -8.51 -15.60 1.84
N LEU A 46 -7.75 -16.20 0.92
CA LEU A 46 -6.72 -15.44 0.20
C LEU A 46 -7.30 -14.32 -0.68
N HIS A 47 -8.46 -14.55 -1.29
CA HIS A 47 -9.12 -13.49 -2.06
C HIS A 47 -9.40 -12.32 -1.14
N PHE A 48 -9.98 -12.60 0.03
CA PHE A 48 -10.33 -11.53 0.96
C PHE A 48 -9.09 -10.78 1.46
N ALA A 49 -8.07 -11.54 1.86
CA ALA A 49 -6.84 -10.94 2.36
C ALA A 49 -6.16 -10.10 1.29
N ALA A 50 -6.14 -10.62 0.06
CA ALA A 50 -5.53 -9.90 -1.06
C ALA A 50 -6.32 -8.63 -1.42
N GLY A 51 -7.64 -8.73 -1.46
CA GLY A 51 -8.45 -7.59 -1.83
C GLY A 51 -8.47 -6.49 -0.78
N TYR A 52 -8.35 -6.87 0.50
CA TYR A 52 -8.40 -5.89 1.58
C TYR A 52 -7.00 -5.54 2.13
N ASN A 53 -5.99 -5.88 1.34
CA ASN A 53 -4.60 -5.48 1.58
C ASN A 53 -4.11 -5.90 2.96
N ARG A 54 -4.37 -7.15 3.30
CA ARG A 54 -3.97 -7.69 4.59
C ARG A 54 -2.66 -8.49 4.43
N VAL A 55 -1.54 -7.78 4.45
CA VAL A 55 -0.27 -8.38 4.07
C VAL A 55 0.15 -9.56 4.96
N SER A 56 0.07 -9.37 6.27
N SER A 56 0.07 -9.37 6.27
CA SER A 56 0.43 -10.43 7.20
CA SER A 56 0.45 -10.43 7.19
C SER A 56 -0.40 -11.68 6.95
C SER A 56 -0.42 -11.68 7.02
N VAL A 57 -1.70 -11.47 6.74
CA VAL A 57 -2.60 -12.60 6.43
C VAL A 57 -2.25 -13.25 5.09
N VAL A 58 -2.05 -12.45 4.05
CA VAL A 58 -1.63 -13.00 2.76
C VAL A 58 -0.37 -13.87 2.91
N GLU A 59 0.64 -13.35 3.61
CA GLU A 59 1.88 -14.10 3.80
C GLU A 59 1.60 -15.42 4.53
N TYR A 60 0.87 -15.36 5.63
CA TYR A 60 0.56 -16.57 6.37
C TYR A 60 -0.17 -17.59 5.48
N LEU A 61 -1.23 -17.12 4.82
CA LEU A 61 -2.02 -18.01 3.95
C LEU A 61 -1.17 -18.68 2.89
N LEU A 62 -0.34 -17.90 2.20
CA LEU A 62 0.50 -18.44 1.16
C LEU A 62 1.44 -19.52 1.69
N GLN A 63 1.88 -19.36 2.94
CA GLN A 63 2.83 -20.30 3.52
C GLN A 63 2.13 -21.53 4.11
N HIS A 64 0.80 -21.51 4.11
CA HIS A 64 0.01 -22.59 4.72
C HIS A 64 -1.04 -23.18 3.77
N GLY A 65 -0.69 -23.29 2.50
CA GLY A 65 -1.50 -24.03 1.54
C GLY A 65 -2.57 -23.28 0.76
N ALA A 66 -2.65 -21.95 0.91
CA ALA A 66 -3.62 -21.19 0.13
C ALA A 66 -3.30 -21.27 -1.35
N ASP A 67 -4.36 -21.33 -2.16
CA ASP A 67 -4.25 -21.59 -3.59
C ASP A 67 -4.30 -20.29 -4.43
N VAL A 68 -3.15 -19.91 -4.98
CA VAL A 68 -3.10 -18.73 -5.84
C VAL A 68 -3.85 -18.92 -7.16
N HIS A 69 -4.22 -20.17 -7.47
CA HIS A 69 -5.01 -20.47 -8.65
C HIS A 69 -6.53 -20.57 -8.39
N ALA A 70 -6.96 -20.47 -7.14
CA ALA A 70 -8.39 -20.60 -6.84
C ALA A 70 -9.22 -19.46 -7.44
N LYS A 71 -10.31 -19.83 -8.10
CA LYS A 71 -11.16 -18.86 -8.76
C LYS A 71 -12.46 -18.69 -8.00
N ASP A 72 -12.90 -17.45 -7.84
CA ASP A 72 -14.19 -17.20 -7.24
C ASP A 72 -15.33 -17.38 -8.24
N LYS A 73 -16.54 -17.01 -7.83
CA LYS A 73 -17.72 -17.24 -8.64
C LYS A 73 -17.60 -16.61 -10.03
N GLY A 74 -16.85 -15.51 -10.13
CA GLY A 74 -16.67 -14.84 -11.40
C GLY A 74 -15.39 -15.24 -12.15
N GLY A 75 -14.66 -16.21 -11.60
CA GLY A 75 -13.43 -16.65 -12.22
C GLY A 75 -12.21 -15.82 -11.88
N LEU A 76 -12.34 -14.92 -10.90
CA LEU A 76 -11.20 -14.13 -10.44
C LEU A 76 -10.27 -14.96 -9.56
N VAL A 77 -8.96 -14.82 -9.76
CA VAL A 77 -8.00 -15.33 -8.80
C VAL A 77 -7.56 -14.17 -7.88
N PRO A 78 -6.92 -14.49 -6.75
CA PRO A 78 -6.59 -13.41 -5.79
C PRO A 78 -5.69 -12.32 -6.39
N LEU A 79 -4.87 -12.67 -7.38
CA LEU A 79 -4.12 -11.61 -8.06
C LEU A 79 -5.05 -10.56 -8.72
N HIS A 80 -6.17 -10.99 -9.29
CA HIS A 80 -7.15 -10.01 -9.78
C HIS A 80 -7.55 -9.03 -8.68
N ASN A 81 -7.87 -9.55 -7.49
CA ASN A 81 -8.31 -8.69 -6.38
C ASN A 81 -7.23 -7.67 -6.01
N ALA A 82 -6.01 -8.16 -5.88
CA ALA A 82 -4.86 -7.31 -5.55
C ALA A 82 -4.65 -6.20 -6.56
N CYS A 83 -4.70 -6.57 -7.84
CA CYS A 83 -4.47 -5.62 -8.91
C CYS A 83 -5.60 -4.60 -9.07
N SER A 84 -6.83 -5.06 -8.93
CA SER A 84 -8.00 -4.19 -9.03
C SER A 84 -7.95 -3.08 -7.98
N TYR A 85 -7.40 -3.39 -6.82
CA TYR A 85 -7.44 -2.45 -5.70
C TYR A 85 -6.08 -1.80 -5.41
N GLY A 86 -5.12 -2.03 -6.29
CA GLY A 86 -3.85 -1.33 -6.26
C GLY A 86 -2.86 -1.79 -5.20
N HIS A 87 -3.01 -3.01 -4.71
CA HIS A 87 -2.18 -3.47 -3.62
C HIS A 87 -0.87 -4.09 -4.13
N TYR A 88 0.15 -3.26 -4.20
CA TYR A 88 1.40 -3.65 -4.85
C TYR A 88 2.13 -4.76 -4.09
N GLU A 89 2.30 -4.60 -2.79
CA GLU A 89 3.04 -5.60 -2.03
C GLU A 89 2.32 -6.94 -2.12
N VAL A 90 0.99 -6.91 -1.98
CA VAL A 90 0.22 -8.14 -2.07
C VAL A 90 0.42 -8.80 -3.44
N ALA A 91 0.38 -7.99 -4.51
CA ALA A 91 0.54 -8.53 -5.86
C ALA A 91 1.93 -9.17 -5.96
N GLU A 92 2.93 -8.51 -5.40
CA GLU A 92 4.29 -9.06 -5.39
C GLU A 92 4.39 -10.42 -4.66
N LEU A 93 3.82 -10.51 -3.46
CA LEU A 93 3.78 -11.78 -2.72
C LEU A 93 3.10 -12.92 -3.51
N LEU A 94 2.01 -12.61 -4.19
CA LEU A 94 1.29 -13.63 -4.97
C LEU A 94 2.16 -14.11 -6.13
N VAL A 95 2.73 -13.19 -6.88
CA VAL A 95 3.63 -13.55 -7.97
C VAL A 95 4.81 -14.38 -7.47
N LYS A 96 5.39 -14.00 -6.34
CA LYS A 96 6.52 -14.75 -5.79
C LYS A 96 6.10 -16.17 -5.43
N HIS A 97 4.83 -16.36 -5.11
CA HIS A 97 4.35 -17.71 -4.78
C HIS A 97 3.67 -18.38 -5.98
N GLY A 98 4.00 -17.90 -7.18
CA GLY A 98 3.65 -18.61 -8.39
C GLY A 98 2.32 -18.25 -9.03
N ALA A 99 1.70 -17.17 -8.57
CA ALA A 99 0.52 -16.67 -9.27
C ALA A 99 0.77 -16.45 -10.77
N VAL A 100 -0.17 -16.91 -11.59
CA VAL A 100 0.01 -16.80 -13.04
C VAL A 100 -0.47 -15.43 -13.47
N VAL A 101 0.39 -14.66 -14.15
CA VAL A 101 0.04 -13.27 -14.47
C VAL A 101 -1.02 -13.15 -15.57
N ASN A 102 -1.07 -14.12 -16.48
CA ASN A 102 -1.94 -14.02 -17.66
C ASN A 102 -3.26 -14.76 -17.52
N VAL A 103 -3.60 -15.08 -16.28
CA VAL A 103 -4.82 -15.79 -15.97
C VAL A 103 -6.02 -14.93 -16.36
N ALA A 104 -7.14 -15.56 -16.67
CA ALA A 104 -8.31 -14.80 -17.09
C ALA A 104 -9.57 -15.28 -16.37
N ASP A 105 -10.48 -14.35 -16.10
CA ASP A 105 -11.74 -14.68 -15.45
C ASP A 105 -12.79 -15.15 -16.45
N LEU A 106 -14.04 -15.24 -16.02
CA LEU A 106 -15.09 -15.79 -16.89
C LEU A 106 -15.34 -14.91 -18.12
N TRP A 107 -14.97 -13.64 -18.03
CA TRP A 107 -15.13 -12.71 -19.14
C TRP A 107 -13.80 -12.45 -19.84
N LYS A 108 -12.81 -13.25 -19.51
CA LYS A 108 -11.46 -13.15 -20.06
C LYS A 108 -10.70 -11.86 -19.70
N PHE A 109 -11.07 -11.23 -18.60
CA PHE A 109 -10.28 -10.14 -18.01
C PHE A 109 -9.05 -10.73 -17.29
N THR A 110 -7.86 -10.21 -17.60
CA THR A 110 -6.64 -10.60 -16.91
C THR A 110 -6.36 -9.62 -15.78
N PRO A 111 -5.43 -9.93 -14.87
CA PRO A 111 -5.06 -8.93 -13.87
C PRO A 111 -4.61 -7.61 -14.50
N LEU A 112 -4.05 -7.65 -15.70
CA LEU A 112 -3.60 -6.42 -16.34
C LEU A 112 -4.79 -5.57 -16.81
N HIS A 113 -5.84 -6.21 -17.32
CA HIS A 113 -7.09 -5.51 -17.59
C HIS A 113 -7.58 -4.78 -16.36
N GLU A 114 -7.60 -5.47 -15.22
CA GLU A 114 -8.03 -4.84 -13.96
C GLU A 114 -7.18 -3.63 -13.60
N ALA A 115 -5.86 -3.82 -13.59
CA ALA A 115 -4.96 -2.75 -13.18
C ALA A 115 -5.08 -1.56 -14.10
N ALA A 116 -5.10 -1.83 -15.40
CA ALA A 116 -5.19 -0.75 -16.39
C ALA A 116 -6.49 0.04 -16.22
N ALA A 117 -7.61 -0.68 -16.09
CA ALA A 117 -8.91 -0.03 -15.98
C ALA A 117 -8.98 0.82 -14.71
N LYS A 118 -8.29 0.37 -13.67
CA LYS A 118 -8.38 1.00 -12.36
C LYS A 118 -7.33 2.09 -12.17
N GLY A 119 -6.44 2.24 -13.15
CA GLY A 119 -5.46 3.31 -13.14
C GLY A 119 -4.24 3.07 -12.26
N LYS A 120 -3.83 1.81 -12.12
CA LYS A 120 -2.68 1.46 -11.28
C LYS A 120 -1.39 1.28 -12.09
N TYR A 121 -0.63 2.36 -12.29
CA TYR A 121 0.60 2.27 -13.09
C TYR A 121 1.60 1.22 -12.60
N GLU A 122 2.01 1.29 -11.33
CA GLU A 122 3.10 0.42 -10.88
C GLU A 122 2.67 -1.04 -10.89
N ILE A 123 1.39 -1.30 -10.62
CA ILE A 123 0.86 -2.65 -10.75
C ILE A 123 0.97 -3.10 -12.21
N CYS A 124 0.54 -2.25 -13.14
CA CYS A 124 0.64 -2.56 -14.56
C CYS A 124 2.08 -2.90 -14.94
N LYS A 125 3.02 -2.12 -14.44
CA LYS A 125 4.42 -2.32 -14.76
C LYS A 125 4.97 -3.61 -14.17
N LEU A 126 4.48 -3.96 -12.97
CA LEU A 126 4.88 -5.17 -12.28
C LEU A 126 4.43 -6.37 -13.11
N LEU A 127 3.17 -6.34 -13.53
CA LEU A 127 2.61 -7.41 -14.34
C LEU A 127 3.39 -7.60 -15.65
N LEU A 128 3.70 -6.50 -16.30
CA LEU A 128 4.41 -6.57 -17.58
C LEU A 128 5.75 -7.30 -17.48
N GLN A 129 6.50 -6.99 -16.43
CA GLN A 129 7.81 -7.58 -16.20
C GLN A 129 7.74 -9.09 -15.94
N HIS A 130 6.60 -9.54 -15.43
CA HIS A 130 6.42 -10.96 -15.18
C HIS A 130 5.74 -11.67 -16.34
N GLY A 131 5.68 -10.96 -17.47
CA GLY A 131 5.23 -11.54 -18.73
C GLY A 131 3.78 -11.34 -19.06
N ALA A 132 3.12 -10.40 -18.38
CA ALA A 132 1.73 -10.08 -18.70
C ALA A 132 1.62 -9.62 -20.15
N ASP A 133 0.67 -10.21 -20.87
CA ASP A 133 0.46 -9.90 -22.28
C ASP A 133 -0.57 -8.79 -22.45
N PRO A 134 -0.10 -7.60 -22.86
CA PRO A 134 -0.95 -6.41 -23.04
C PRO A 134 -1.81 -6.46 -24.31
N THR A 135 -1.71 -7.54 -25.07
CA THR A 135 -2.51 -7.69 -26.30
C THR A 135 -3.69 -8.63 -26.12
N LYS A 136 -3.74 -9.31 -24.98
CA LYS A 136 -4.84 -10.22 -24.68
C LYS A 136 -6.15 -9.46 -24.66
N LYS A 137 -7.10 -9.94 -25.46
CA LYS A 137 -8.44 -9.37 -25.51
C LYS A 137 -9.36 -10.15 -24.59
N ASN A 138 -10.20 -9.43 -23.86
CA ASN A 138 -11.26 -10.09 -23.12
C ASN A 138 -12.39 -10.48 -24.06
N ARG A 139 -13.52 -10.95 -23.53
CA ARG A 139 -14.57 -11.48 -24.40
C ARG A 139 -15.17 -10.40 -25.29
N ASP A 140 -15.04 -9.15 -24.86
CA ASP A 140 -15.54 -8.02 -25.62
C ASP A 140 -14.63 -7.66 -26.79
N GLY A 141 -13.38 -8.10 -26.73
CA GLY A 141 -12.40 -7.74 -27.73
C GLY A 141 -11.54 -6.56 -27.29
N ASN A 142 -11.63 -6.20 -26.01
CA ASN A 142 -10.82 -5.11 -25.47
C ASN A 142 -9.53 -5.61 -24.83
N THR A 143 -8.45 -4.90 -25.11
CA THR A 143 -7.16 -5.18 -24.49
C THR A 143 -7.04 -4.37 -23.19
N PRO A 144 -6.00 -4.64 -22.38
CA PRO A 144 -5.87 -3.77 -21.22
C PRO A 144 -5.69 -2.30 -21.63
N LEU A 145 -4.98 -2.04 -22.72
CA LEU A 145 -4.81 -0.66 -23.18
C LEU A 145 -6.17 0.00 -23.48
N ASP A 146 -7.09 -0.78 -24.04
CA ASP A 146 -8.41 -0.26 -24.42
C ASP A 146 -9.16 0.23 -23.20
N LEU A 147 -8.93 -0.39 -22.05
CA LEU A 147 -9.67 -0.06 -20.83
C LEU A 147 -9.09 1.13 -20.05
N VAL A 148 -7.93 1.64 -20.46
CA VAL A 148 -7.28 2.75 -19.73
C VAL A 148 -8.07 4.06 -19.88
N LYS A 149 -8.37 4.70 -18.75
CA LYS A 149 -9.03 6.02 -18.78
C LYS A 149 -8.15 7.10 -19.42
N ASP A 150 -8.77 8.00 -20.17
CA ASP A 150 -8.02 8.98 -20.96
C ASP A 150 -6.94 9.75 -20.20
N GLY A 151 -7.22 10.12 -18.96
CA GLY A 151 -6.27 10.88 -18.18
C GLY A 151 -4.95 10.15 -17.96
N ASP A 152 -5.00 8.82 -17.99
CA ASP A 152 -3.82 8.01 -17.69
C ASP A 152 -2.93 7.78 -18.91
N THR A 153 -2.37 8.86 -19.45
CA THR A 153 -1.51 8.77 -20.61
C THR A 153 -0.21 8.02 -20.29
N ASP A 154 0.20 8.04 -19.02
CA ASP A 154 1.38 7.29 -18.64
C ASP A 154 1.11 5.79 -18.72
N ILE A 155 -0.06 5.36 -18.26
CA ILE A 155 -0.42 3.96 -18.38
C ILE A 155 -0.60 3.61 -19.86
N GLN A 156 -1.22 4.52 -20.61
CA GLN A 156 -1.36 4.34 -22.05
C GLN A 156 0.02 4.16 -22.69
N ASP A 157 0.96 5.03 -22.34
CA ASP A 157 2.31 4.96 -22.90
C ASP A 157 2.99 3.63 -22.57
N LEU A 158 2.79 3.16 -21.34
CA LEU A 158 3.42 1.93 -20.86
C LEU A 158 2.93 0.72 -21.64
N LEU A 159 1.61 0.59 -21.72
CA LEU A 159 1.00 -0.52 -22.44
C LEU A 159 1.20 -0.37 -23.93
N ARG A 160 1.57 0.85 -24.34
CA ARG A 160 1.73 1.19 -25.76
C ARG A 160 3.22 1.26 -26.13
N MET B 3 18.57 10.49 30.12
CA MET B 3 17.12 10.55 30.29
C MET B 3 16.41 9.84 29.14
N GLY B 4 15.29 9.21 29.46
CA GLY B 4 14.49 8.58 28.43
C GLY B 4 13.04 9.04 28.52
N ASN B 5 12.23 8.63 27.54
CA ASN B 5 10.82 8.92 27.58
C ASN B 5 10.17 8.20 28.76
N SER B 6 8.99 8.67 29.16
CA SER B 6 8.21 7.99 30.16
C SER B 6 7.79 6.62 29.62
N GLU B 7 7.41 5.72 30.53
CA GLU B 7 6.92 4.41 30.13
C GLU B 7 5.74 4.60 29.18
N ALA B 8 4.79 5.45 29.56
CA ALA B 8 3.61 5.71 28.74
C ALA B 8 3.95 6.20 27.33
N ASP B 9 4.91 7.11 27.22
CA ASP B 9 5.29 7.62 25.90
C ASP B 9 6.03 6.55 25.08
N ARG B 10 6.87 5.75 25.75
CA ARG B 10 7.56 4.65 25.08
C ARG B 10 6.55 3.69 24.48
N GLN B 11 5.55 3.33 25.28
CA GLN B 11 4.52 2.39 24.87
C GLN B 11 3.69 2.92 23.69
N LEU B 12 3.35 4.21 23.73
CA LEU B 12 2.61 4.84 22.64
C LEU B 12 3.43 4.84 21.35
N LEU B 13 4.68 5.28 21.43
CA LEU B 13 5.56 5.27 20.27
C LEU B 13 5.74 3.84 19.71
N GLU B 14 5.88 2.87 20.59
CA GLU B 14 6.04 1.48 20.15
C GLU B 14 4.77 0.97 19.47
N ALA B 15 3.62 1.30 20.07
CA ALA B 15 2.35 0.81 19.55
C ALA B 15 2.10 1.42 18.17
N ALA B 16 2.50 2.68 18.00
CA ALA B 16 2.36 3.36 16.72
C ALA B 16 3.16 2.66 15.64
N LYS B 17 4.42 2.35 15.98
CA LYS B 17 5.31 1.66 15.06
C LYS B 17 4.75 0.28 14.70
N ALA B 18 4.08 -0.33 15.68
CA ALA B 18 3.59 -1.70 15.52
C ALA B 18 2.23 -1.77 14.84
N GLY B 19 1.52 -0.66 14.80
CA GLY B 19 0.15 -0.64 14.30
C GLY B 19 -0.83 -1.18 15.32
N ASP B 20 -0.42 -1.16 16.59
CA ASP B 20 -1.27 -1.63 17.68
C ASP B 20 -2.24 -0.53 18.07
N VAL B 21 -3.35 -0.42 17.32
CA VAL B 21 -4.23 0.72 17.49
C VAL B 21 -4.91 0.71 18.85
N GLU B 22 -5.17 -0.48 19.40
CA GLU B 22 -5.81 -0.58 20.70
C GLU B 22 -4.97 0.08 21.80
N THR B 23 -3.66 -0.18 21.77
CA THR B 23 -2.77 0.46 22.73
C THR B 23 -2.64 1.97 22.48
N VAL B 24 -2.56 2.37 21.21
CA VAL B 24 -2.58 3.79 20.87
C VAL B 24 -3.82 4.45 21.46
N LYS B 25 -4.97 3.81 21.29
CA LYS B 25 -6.21 4.33 21.85
C LYS B 25 -6.11 4.57 23.36
N LYS B 26 -5.45 3.67 24.08
CA LYS B 26 -5.39 3.76 25.53
C LYS B 26 -4.46 4.87 26.01
N LEU B 27 -3.45 5.20 25.21
CA LEU B 27 -2.36 6.06 25.66
C LEU B 27 -2.37 7.43 25.01
N CYS B 28 -3.10 7.58 23.92
CA CYS B 28 -3.11 8.82 23.16
C CYS B 28 -3.96 9.88 23.86
N THR B 29 -3.31 10.96 24.31
CA THR B 29 -4.01 12.13 24.85
C THR B 29 -3.52 13.39 24.17
N VAL B 30 -4.19 14.51 24.44
CA VAL B 30 -3.77 15.79 23.88
C VAL B 30 -2.32 16.04 24.25
N GLN B 31 -1.94 15.54 25.42
CA GLN B 31 -0.60 15.74 25.95
C GLN B 31 0.45 14.88 25.26
N SER B 32 0.07 13.66 24.92
CA SER B 32 1.06 12.69 24.43
C SER B 32 1.06 12.46 22.93
N VAL B 33 0.04 12.95 22.22
CA VAL B 33 -0.14 12.56 20.82
C VAL B 33 1.05 12.97 19.96
N ASN B 34 1.70 14.09 20.32
CA ASN B 34 2.88 14.51 19.59
C ASN B 34 4.18 14.39 20.37
N CYS B 35 4.26 13.41 21.27
CA CYS B 35 5.50 13.16 22.02
C CYS B 35 6.59 12.76 21.02
N ARG B 36 7.85 12.86 21.44
CA ARG B 36 8.99 12.58 20.56
C ARG B 36 9.88 11.47 21.11
N ASP B 37 10.35 10.59 20.23
CA ASP B 37 11.25 9.50 20.61
C ASP B 37 12.67 10.00 20.86
N ILE B 38 12.93 10.47 22.06
CA ILE B 38 14.19 11.13 22.36
C ILE B 38 15.35 10.15 22.40
N GLU B 39 15.04 8.87 22.34
CA GLU B 39 16.07 7.84 22.34
C GLU B 39 16.59 7.61 20.93
N GLY B 40 15.75 7.86 19.93
CA GLY B 40 16.09 7.63 18.53
C GLY B 40 16.32 8.92 17.73
N ARG B 41 15.49 9.17 16.72
CA ARG B 41 15.60 10.42 15.95
C ARG B 41 14.43 11.38 16.18
N GLN B 42 13.82 11.28 17.36
CA GLN B 42 12.76 12.20 17.78
C GLN B 42 11.50 12.12 16.93
N SER B 43 11.25 10.94 16.37
CA SER B 43 10.00 10.69 15.68
C SER B 43 8.82 10.83 16.64
N THR B 44 7.71 11.34 16.13
CA THR B 44 6.44 11.35 16.85
C THR B 44 5.70 10.08 16.54
N PRO B 45 4.60 9.80 17.26
CA PRO B 45 3.80 8.63 16.92
C PRO B 45 3.39 8.64 15.45
N LEU B 46 3.03 9.81 14.92
CA LEU B 46 2.61 9.90 13.52
C LEU B 46 3.75 9.58 12.55
N HIS B 47 4.97 9.99 12.87
CA HIS B 47 6.15 9.59 12.08
C HIS B 47 6.24 8.06 11.99
N PHE B 48 6.17 7.40 13.14
CA PHE B 48 6.27 5.94 13.17
C PHE B 48 5.14 5.28 12.39
N ALA B 49 3.90 5.68 12.66
CA ALA B 49 2.77 5.08 11.97
C ALA B 49 2.87 5.30 10.46
N ALA B 50 3.32 6.48 10.05
CA ALA B 50 3.44 6.81 8.64
C ALA B 50 4.53 5.97 7.97
N GLY B 51 5.68 5.89 8.61
CA GLY B 51 6.81 5.15 8.05
C GLY B 51 6.58 3.66 7.93
N TYR B 52 5.85 3.09 8.89
CA TYR B 52 5.62 1.65 8.92
C TYR B 52 4.25 1.25 8.33
N ASN B 53 3.61 2.21 7.66
CA ASN B 53 2.39 1.97 6.87
C ASN B 53 1.25 1.44 7.75
N ARG B 54 1.08 2.06 8.91
CA ARG B 54 0.03 1.68 9.85
C ARG B 54 -1.18 2.59 9.68
N VAL B 55 -2.01 2.28 8.69
CA VAL B 55 -3.09 3.17 8.29
C VAL B 55 -4.11 3.41 9.41
N SER B 56 -4.56 2.35 10.07
CA SER B 56 -5.55 2.52 11.14
C SER B 56 -5.02 3.48 12.23
N VAL B 57 -3.74 3.34 12.57
CA VAL B 57 -3.12 4.23 13.56
C VAL B 57 -2.92 5.65 13.03
N VAL B 58 -2.45 5.80 11.79
CA VAL B 58 -2.36 7.11 11.15
C VAL B 58 -3.69 7.85 11.22
N GLU B 59 -4.76 7.16 10.86
CA GLU B 59 -6.08 7.75 10.86
C GLU B 59 -6.47 8.19 12.27
N TYR B 60 -6.26 7.30 13.25
CA TYR B 60 -6.62 7.61 14.62
C TYR B 60 -5.84 8.81 15.14
N LEU B 61 -4.54 8.81 14.90
CA LEU B 61 -3.69 9.89 15.38
C LEU B 61 -4.11 11.22 14.76
N LEU B 62 -4.41 11.22 13.47
CA LEU B 62 -4.81 12.46 12.80
C LEU B 62 -6.12 12.98 13.38
N GLN B 63 -7.00 12.06 13.74
CA GLN B 63 -8.29 12.45 14.31
C GLN B 63 -8.15 12.95 15.75
N HIS B 64 -6.99 12.70 16.35
CA HIS B 64 -6.77 13.10 17.74
C HIS B 64 -5.69 14.15 17.90
N GLY B 65 -5.49 14.96 16.86
CA GLY B 65 -4.62 16.11 16.97
C GLY B 65 -3.14 15.90 16.68
N ALA B 66 -2.78 14.76 16.09
CA ALA B 66 -1.39 14.57 15.66
C ALA B 66 -0.98 15.64 14.66
N ASP B 67 0.28 16.05 14.73
CA ASP B 67 0.76 17.23 14.01
C ASP B 67 1.42 16.84 12.68
N VAL B 68 0.75 17.11 11.56
CA VAL B 68 1.36 16.80 10.25
C VAL B 68 2.58 17.65 9.94
N HIS B 69 2.80 18.70 10.73
CA HIS B 69 3.94 19.60 10.51
C HIS B 69 5.10 19.34 11.46
N ALA B 70 4.94 18.38 12.38
CA ALA B 70 6.01 18.08 13.34
C ALA B 70 7.25 17.55 12.62
N LYS B 71 8.42 18.09 12.96
CA LYS B 71 9.67 17.63 12.34
C LYS B 71 10.51 16.80 13.32
N ASP B 72 11.13 15.73 12.82
CA ASP B 72 12.01 14.91 13.66
C ASP B 72 13.41 15.52 13.74
N LYS B 73 14.35 14.78 14.31
CA LYS B 73 15.69 15.31 14.53
C LYS B 73 16.39 15.80 13.25
N GLY B 74 16.04 15.22 12.11
CA GLY B 74 16.65 15.62 10.86
C GLY B 74 15.81 16.57 10.01
N GLY B 75 14.72 17.07 10.57
CA GLY B 75 13.82 17.97 9.88
C GLY B 75 12.75 17.29 9.04
N LEU B 76 12.59 15.97 9.16
CA LEU B 76 11.55 15.28 8.37
C LEU B 76 10.17 15.42 9.01
N VAL B 77 9.16 15.68 8.19
CA VAL B 77 7.77 15.55 8.63
C VAL B 77 7.25 14.15 8.28
N PRO B 78 6.09 13.75 8.84
CA PRO B 78 5.61 12.41 8.51
C PRO B 78 5.41 12.14 7.02
N LEU B 79 5.09 13.17 6.23
CA LEU B 79 4.97 12.99 4.80
C LEU B 79 6.29 12.50 4.21
N HIS B 80 7.41 13.00 4.73
CA HIS B 80 8.71 12.48 4.27
C HIS B 80 8.74 10.97 4.50
N ASN B 81 8.31 10.53 5.68
CA ASN B 81 8.42 9.08 5.97
C ASN B 81 7.57 8.26 5.01
N ALA B 82 6.33 8.69 4.82
CA ALA B 82 5.42 7.99 3.92
C ALA B 82 5.99 7.93 2.50
N CYS B 83 6.60 9.02 2.04
CA CYS B 83 7.04 9.08 0.65
C CYS B 83 8.30 8.25 0.44
N SER B 84 9.20 8.32 1.42
CA SER B 84 10.46 7.59 1.34
C SER B 84 10.20 6.08 1.26
N TYR B 85 9.12 5.63 1.90
CA TYR B 85 8.85 4.21 1.97
C TYR B 85 7.71 3.77 1.06
N GLY B 86 7.25 4.69 0.20
CA GLY B 86 6.31 4.36 -0.86
C GLY B 86 4.89 4.09 -0.41
N HIS B 87 4.50 4.69 0.71
CA HIS B 87 3.17 4.43 1.27
C HIS B 87 2.12 5.42 0.75
N TYR B 88 1.45 5.03 -0.34
CA TYR B 88 0.61 5.96 -1.05
C TYR B 88 -0.60 6.40 -0.23
N GLU B 89 -1.33 5.44 0.32
CA GLU B 89 -2.51 5.79 1.13
C GLU B 89 -2.19 6.71 2.31
N VAL B 90 -1.13 6.40 3.05
CA VAL B 90 -0.69 7.27 4.13
C VAL B 90 -0.39 8.68 3.62
N ALA B 91 0.29 8.79 2.49
CA ALA B 91 0.61 10.11 1.96
C ALA B 91 -0.65 10.89 1.65
N GLU B 92 -1.62 10.21 1.03
CA GLU B 92 -2.88 10.84 0.71
C GLU B 92 -3.61 11.27 1.98
N LEU B 93 -3.60 10.43 3.02
CA LEU B 93 -4.26 10.77 4.29
C LEU B 93 -3.61 12.02 4.93
N LEU B 94 -2.28 12.06 4.92
CA LEU B 94 -1.56 13.22 5.44
C LEU B 94 -1.91 14.49 4.66
N VAL B 95 -1.95 14.38 3.33
CA VAL B 95 -2.30 15.53 2.52
C VAL B 95 -3.72 15.98 2.79
N LYS B 96 -4.62 15.01 2.97
CA LYS B 96 -6.01 15.35 3.24
C LYS B 96 -6.17 16.05 4.58
N HIS B 97 -5.24 15.77 5.49
CA HIS B 97 -5.30 16.37 6.82
C HIS B 97 -4.40 17.61 6.96
N GLY B 98 -3.93 18.14 5.84
CA GLY B 98 -3.25 19.43 5.84
C GLY B 98 -1.75 19.39 5.57
N ALA B 99 -1.17 18.22 5.33
CA ALA B 99 0.27 18.14 5.09
C ALA B 99 0.65 19.05 3.93
N VAL B 100 1.78 19.74 4.06
CA VAL B 100 2.27 20.59 2.98
C VAL B 100 3.27 19.79 2.17
N VAL B 101 3.08 19.76 0.85
CA VAL B 101 3.93 18.90 0.04
C VAL B 101 5.30 19.50 -0.21
N ASN B 102 5.43 20.83 -0.15
CA ASN B 102 6.71 21.46 -0.47
C ASN B 102 7.65 21.69 0.71
N VAL B 103 7.39 21.01 1.81
CA VAL B 103 8.19 21.14 3.02
C VAL B 103 9.56 20.50 2.80
N ALA B 104 10.58 20.97 3.50
CA ALA B 104 11.95 20.44 3.32
C ALA B 104 12.61 20.17 4.67
N ASP B 105 13.49 19.16 4.70
CA ASP B 105 14.18 18.80 5.95
C ASP B 105 15.42 19.69 6.13
N LEU B 106 16.30 19.34 7.07
CA LEU B 106 17.43 20.22 7.39
C LEU B 106 18.39 20.35 6.21
N TRP B 107 18.38 19.33 5.34
CA TRP B 107 19.21 19.32 4.15
C TRP B 107 18.44 19.80 2.91
N LYS B 108 17.26 20.38 3.14
CA LYS B 108 16.36 20.83 2.07
C LYS B 108 15.87 19.73 1.13
N PHE B 109 15.84 18.48 1.60
CA PHE B 109 15.18 17.42 0.86
C PHE B 109 13.66 17.55 1.07
N THR B 110 12.90 17.49 -0.02
CA THR B 110 11.44 17.53 0.10
C THR B 110 10.92 16.10 -0.03
N PRO B 111 9.65 15.91 0.29
CA PRO B 111 9.00 14.61 0.07
C PRO B 111 9.23 14.12 -1.35
N LEU B 112 9.22 15.02 -2.32
CA LEU B 112 9.37 14.62 -3.72
C LEU B 112 10.80 14.14 -4.00
N HIS B 113 11.80 14.72 -3.32
CA HIS B 113 13.17 14.24 -3.45
C HIS B 113 13.24 12.80 -2.98
N GLU B 114 12.57 12.53 -1.85
CA GLU B 114 12.53 11.19 -1.30
C GLU B 114 11.88 10.20 -2.25
N ALA B 115 10.68 10.53 -2.73
CA ALA B 115 9.95 9.63 -3.62
C ALA B 115 10.74 9.36 -4.88
N ALA B 116 11.37 10.41 -5.42
CA ALA B 116 12.15 10.30 -6.65
C ALA B 116 13.37 9.40 -6.46
N ALA B 117 14.12 9.66 -5.40
CA ALA B 117 15.34 8.89 -5.14
C ALA B 117 15.03 7.42 -4.89
N LYS B 118 13.91 7.17 -4.22
CA LYS B 118 13.57 5.81 -3.78
C LYS B 118 12.84 5.03 -4.88
N GLY B 119 12.60 5.69 -6.01
CA GLY B 119 12.00 5.07 -7.17
C GLY B 119 10.51 4.79 -7.00
N LYS B 120 9.86 5.61 -6.19
CA LYS B 120 8.45 5.38 -5.86
C LYS B 120 7.58 6.15 -6.85
N TYR B 121 7.26 5.49 -7.97
CA TYR B 121 6.60 6.17 -9.07
C TYR B 121 5.24 6.79 -8.75
N GLU B 122 4.36 5.99 -8.14
CA GLU B 122 3.02 6.45 -7.74
C GLU B 122 3.06 7.65 -6.78
N ILE B 123 3.99 7.60 -5.81
CA ILE B 123 4.17 8.71 -4.87
C ILE B 123 4.53 10.01 -5.61
N CYS B 124 5.55 9.94 -6.49
CA CYS B 124 5.91 11.11 -7.26
C CYS B 124 4.69 11.69 -7.97
N LYS B 125 3.94 10.83 -8.67
CA LYS B 125 2.76 11.31 -9.38
C LYS B 125 1.80 12.00 -8.41
N LEU B 126 1.53 11.37 -7.27
CA LEU B 126 0.63 11.94 -6.26
C LEU B 126 1.07 13.33 -5.80
N LEU B 127 2.36 13.48 -5.51
CA LEU B 127 2.89 14.75 -5.02
C LEU B 127 2.79 15.83 -6.08
N LEU B 128 3.11 15.46 -7.32
CA LEU B 128 2.91 16.34 -8.45
C LEU B 128 1.43 16.65 -8.60
N GLN B 129 0.60 15.62 -8.54
CA GLN B 129 -0.85 15.81 -8.71
C GLN B 129 -1.37 16.78 -7.66
N HIS B 130 -0.60 16.96 -6.59
CA HIS B 130 -0.98 17.82 -5.48
C HIS B 130 -0.18 19.12 -5.39
N GLY B 131 0.64 19.40 -6.39
CA GLY B 131 1.34 20.67 -6.50
C GLY B 131 2.77 20.75 -6.00
N ALA B 132 3.44 19.61 -5.84
CA ALA B 132 4.84 19.62 -5.43
C ALA B 132 5.69 20.32 -6.50
N ASP B 133 6.73 21.03 -6.07
CA ASP B 133 7.60 21.79 -6.97
C ASP B 133 8.81 20.94 -7.36
N PRO B 134 8.88 20.46 -8.61
CA PRO B 134 9.96 19.58 -9.07
C PRO B 134 11.28 20.31 -9.30
N THR B 135 11.32 21.63 -9.11
CA THR B 135 12.54 22.40 -9.35
C THR B 135 13.28 22.77 -8.07
N LYS B 136 12.71 22.42 -6.92
CA LYS B 136 13.34 22.70 -5.64
C LYS B 136 14.67 21.96 -5.48
N LYS B 137 15.74 22.69 -5.19
CA LYS B 137 17.05 22.10 -4.98
C LYS B 137 17.29 21.84 -3.50
N ASN B 138 17.90 20.70 -3.18
CA ASN B 138 18.34 20.48 -1.81
C ASN B 138 19.70 21.15 -1.59
N ARG B 139 20.33 20.88 -0.46
CA ARG B 139 21.54 21.63 -0.14
C ARG B 139 22.71 21.23 -1.00
N ASP B 140 22.58 20.11 -1.70
CA ASP B 140 23.62 19.66 -2.61
C ASP B 140 23.44 20.33 -3.99
N GLY B 141 22.37 21.13 -4.14
CA GLY B 141 22.04 21.71 -5.43
C GLY B 141 21.24 20.78 -6.34
N ASN B 142 20.78 19.65 -5.78
CA ASN B 142 20.06 18.64 -6.57
C ASN B 142 18.53 18.80 -6.52
N THR B 143 17.88 18.71 -7.69
CA THR B 143 16.41 18.63 -7.73
C THR B 143 15.99 17.18 -7.55
N PRO B 144 14.68 16.93 -7.37
CA PRO B 144 14.21 15.54 -7.32
C PRO B 144 14.59 14.76 -8.59
N LEU B 145 14.46 15.39 -9.75
CA LEU B 145 14.89 14.76 -11.02
C LEU B 145 16.33 14.28 -10.94
N ASP B 146 17.21 15.12 -10.40
CA ASP B 146 18.63 14.76 -10.29
C ASP B 146 18.82 13.48 -9.45
N LEU B 147 17.87 13.17 -8.58
CA LEU B 147 18.02 12.03 -7.68
C LEU B 147 17.48 10.71 -8.26
N VAL B 148 16.80 10.78 -9.40
CA VAL B 148 16.25 9.59 -10.01
C VAL B 148 17.33 8.68 -10.59
N LYS B 149 17.33 7.40 -10.21
CA LYS B 149 18.31 6.46 -10.75
C LYS B 149 18.12 6.31 -12.27
N ASP B 150 19.22 6.15 -12.99
CA ASP B 150 19.18 6.11 -14.46
C ASP B 150 18.26 5.00 -14.98
N GLY B 151 18.18 3.89 -14.24
CA GLY B 151 17.29 2.82 -14.62
C GLY B 151 15.83 3.25 -14.68
N ASP B 152 15.48 4.24 -13.86
CA ASP B 152 14.09 4.65 -13.70
C ASP B 152 13.64 5.70 -14.71
N THR B 153 13.67 5.35 -15.99
CA THR B 153 13.34 6.28 -17.07
C THR B 153 11.90 6.81 -17.00
N ASP B 154 10.99 6.04 -16.44
CA ASP B 154 9.60 6.49 -16.31
C ASP B 154 9.43 7.62 -15.30
N ILE B 155 10.11 7.52 -14.16
CA ILE B 155 10.09 8.61 -13.18
C ILE B 155 10.73 9.87 -13.76
N GLN B 156 11.86 9.70 -14.44
CA GLN B 156 12.50 10.82 -15.10
C GLN B 156 11.46 11.50 -15.99
N ASP B 157 10.88 10.71 -16.89
CA ASP B 157 9.88 11.21 -17.81
C ASP B 157 8.75 11.93 -17.07
N LEU B 158 8.31 11.31 -15.99
CA LEU B 158 7.24 11.88 -15.18
C LEU B 158 7.57 13.27 -14.65
N LEU B 159 8.81 13.47 -14.20
CA LEU B 159 9.18 14.72 -13.55
C LEU B 159 9.45 15.87 -14.52
N ARG B 160 10.08 15.57 -15.66
CA ARG B 160 10.46 16.61 -16.59
C ARG B 160 9.37 16.85 -17.64
N GLN C 5 -24.16 -9.60 -14.92
CA GLN C 5 -22.94 -8.98 -15.41
C GLN C 5 -21.71 -9.28 -14.54
N ARG C 6 -20.58 -8.73 -14.93
CA ARG C 6 -19.33 -8.91 -14.23
C ARG C 6 -19.24 -7.94 -13.05
N GLU C 7 -19.09 -8.47 -11.84
CA GLU C 7 -19.04 -7.61 -10.67
C GLU C 7 -17.62 -7.49 -10.14
N SER C 8 -17.36 -6.46 -9.34
CA SER C 8 -16.02 -6.20 -8.82
C SER C 8 -15.53 -7.27 -7.84
N PRO C 9 -14.20 -7.47 -7.76
CA PRO C 9 -13.69 -8.46 -6.80
C PRO C 9 -13.99 -8.02 -5.37
N ASP C 10 -13.99 -8.96 -4.42
CA ASP C 10 -14.01 -8.58 -3.01
C ASP C 10 -12.75 -7.80 -2.65
N GLY C 11 -12.92 -6.63 -2.04
CA GLY C 11 -11.79 -5.82 -1.63
C GLY C 11 -12.10 -4.34 -1.67
N GLN C 12 -11.10 -3.52 -1.39
CA GLN C 12 -11.22 -2.08 -1.53
C GLN C 12 -9.84 -1.44 -1.63
N SER C 13 -9.79 -0.24 -2.19
CA SER C 13 -8.52 0.37 -2.52
C SER C 13 -7.77 0.86 -1.30
N PHE C 14 -8.50 1.41 -0.34
CA PHE C 14 -7.87 2.02 0.82
C PHE C 14 -8.32 1.35 2.09
N ARG C 15 -7.36 1.09 2.97
CA ARG C 15 -7.66 0.47 4.25
C ARG C 15 -8.51 1.41 5.09
N GLN D 5 25.06 14.38 9.63
CA GLN D 5 24.96 13.27 8.68
C GLN D 5 23.52 12.81 8.51
N ARG D 6 23.07 12.72 7.26
CA ARG D 6 21.66 12.44 6.98
C ARG D 6 21.37 10.95 6.99
N GLU D 7 20.37 10.55 7.75
CA GLU D 7 20.00 9.15 7.85
C GLU D 7 18.54 8.93 7.43
N SER D 8 18.15 7.67 7.27
CA SER D 8 16.80 7.35 6.82
C SER D 8 15.72 7.70 7.84
N PRO D 9 14.48 7.95 7.36
CA PRO D 9 13.39 8.16 8.31
C PRO D 9 13.04 6.85 8.97
N ASP D 10 12.40 6.92 10.13
CA ASP D 10 11.87 5.70 10.72
C ASP D 10 10.79 5.13 9.80
N GLY D 11 10.91 3.84 9.51
CA GLY D 11 9.94 3.17 8.64
C GLY D 11 10.54 2.06 7.80
N GLN D 12 9.73 1.46 6.94
CA GLN D 12 10.22 0.45 6.00
C GLN D 12 9.24 0.29 4.84
N SER D 13 9.73 -0.19 3.70
CA SER D 13 8.92 -0.18 2.49
C SER D 13 7.84 -1.26 2.52
N PHE D 14 8.17 -2.41 3.06
CA PHE D 14 7.24 -3.53 2.98
C PHE D 14 6.78 -4.02 4.34
N ARG D 15 5.48 -4.27 4.47
CA ARG D 15 4.92 -4.74 5.73
C ARG D 15 5.40 -6.16 6.03
#